data_2WZQ
#
_entry.id   2WZQ
#
_cell.length_a   52.420
_cell.length_b   87.720
_cell.length_c   75.779
_cell.angle_alpha   90.00
_cell.angle_beta   92.90
_cell.angle_gamma   90.00
#
_symmetry.space_group_name_H-M   'P 1 21 1'
#
loop_
_entity.id
_entity.type
_entity.pdbx_description
1 polymer 'NS3 PROTEASE-HELICASE'
2 polymer 'NS3 PROTEASE-HELICASE'
3 non-polymer 'CHLORIDE ION'
4 non-polymer GLYCEROL
5 water water
#
loop_
_entity_poly.entity_id
_entity_poly.type
_entity_poly.pdbx_seq_one_letter_code
_entity_poly.pdbx_strand_id
1 'polypeptide(L)'
;SGALWDVPSPAATQKATLSEGVYRIMQRGLFGKTQVGVGIHMEGVFHTMWHVTRGSVICHETGRLEPSWADVRNDMISYG
GGWRLGDKWDKEEDVQVLAIEPGKNPKHVQTKPGLFKTLTGEIGAVTLDFKPGTSGSPIINKKGKVIGLYGNGVVTKSGD
YVSAITQAERIGEGPDYEVDEDIFRKKRLTIMDLHPGAGKTKRILPSIVREALKRRLRTLILAPTRVVAAEMEEALRGLP
IRYQTPAVKSDHTGREIVDLMCHATFTTRLLSSTRVPNYNLIVMDEAHFTDPCSVAARGYISTRVEMGEAAAIFMTATPP
GSTDPFPQSNSPIEDIEREIPERSWNTGFDWITDYQGKTVWFVPSIKAGNDIANCLRKSGKRVIQLSRKTFDTEYPKTKL
TDWDFVVTTDISEMGANFRAGRVIDPRRCLKPVILTDGPERVILAGPIPVTPASAAQRRGRIGRNPAQEDDQYVFSGDPL
KNDEDHAHWTEAKMLLDNIYTPEGIIPTLFGPEREKTQAIDGEFRLRGEQRKTFVELMRRGDLPVWLSYKVASAGISYKD
REWCFTGERNNQILEENMEVEIWTREGEKKKLRPKWLDARVYADPMALKDFKEFASGRK
;
A
2 'polypeptide(L)' GSAMADLSLEKAANVQWDEMADGGGGSGGGG C
#
# COMPACT_ATOMS: atom_id res chain seq x y z
N GLU A 20 -26.14 2.48 18.69
CA GLU A 20 -27.42 2.20 19.41
C GLU A 20 -27.64 3.17 20.60
N GLY A 21 -27.61 4.47 20.30
CA GLY A 21 -27.96 5.49 21.30
C GLY A 21 -26.88 6.51 21.62
N VAL A 22 -26.65 6.70 22.92
CA VAL A 22 -25.75 7.74 23.42
C VAL A 22 -24.85 7.17 24.52
N TYR A 23 -23.56 7.48 24.42
CA TYR A 23 -22.56 6.92 25.31
C TYR A 23 -21.75 8.06 25.95
N ARG A 24 -21.19 7.78 27.14
CA ARG A 24 -20.24 8.70 27.78
C ARG A 24 -18.82 8.33 27.38
N ILE A 25 -18.05 9.29 26.86
CA ILE A 25 -16.62 9.07 26.56
C ILE A 25 -15.79 9.06 27.85
N MET A 26 -15.72 7.90 28.49
CA MET A 26 -14.96 7.71 29.73
C MET A 26 -13.48 7.45 29.44
N GLN A 27 -12.60 8.11 30.19
CA GLN A 27 -11.16 7.89 30.07
C GLN A 27 -10.58 7.47 31.42
N GLY A 32 -6.92 6.88 38.72
CA GLY A 32 -8.01 7.85 38.73
C GLY A 32 -8.21 8.51 37.38
N LYS A 33 -9.38 8.29 36.77
CA LYS A 33 -9.70 8.80 35.43
C LYS A 33 -11.21 8.71 35.07
N THR A 34 -11.85 9.87 34.89
CA THR A 34 -13.32 9.93 34.67
C THR A 34 -13.76 10.45 33.27
N GLN A 35 -14.98 10.98 33.18
CA GLN A 35 -15.63 11.34 31.90
C GLN A 35 -15.14 12.62 31.21
N VAL A 36 -14.64 12.43 30.00
CA VAL A 36 -14.02 13.49 29.21
C VAL A 36 -15.02 14.20 28.29
N GLY A 37 -15.99 13.46 27.75
CA GLY A 37 -16.95 14.02 26.80
C GLY A 37 -18.05 13.04 26.42
N VAL A 38 -18.89 13.43 25.46
CA VAL A 38 -19.98 12.57 24.99
C VAL A 38 -19.94 12.34 23.49
N GLY A 39 -20.39 11.16 23.06
CA GLY A 39 -20.50 10.83 21.65
C GLY A 39 -21.84 10.18 21.30
N ILE A 40 -22.19 10.22 20.02
CA ILE A 40 -23.39 9.57 19.51
C ILE A 40 -22.99 8.45 18.58
N HIS A 41 -23.63 7.29 18.75
CA HIS A 41 -23.50 6.21 17.77
C HIS A 41 -24.82 6.09 17.02
N MET A 42 -24.78 6.45 15.73
CA MET A 42 -25.95 6.42 14.87
C MET A 42 -25.68 5.76 13.52
N GLU A 43 -26.53 4.77 13.20
CA GLU A 43 -26.55 4.08 11.90
C GLU A 43 -25.29 3.23 11.67
N GLY A 44 -24.47 3.09 12.72
CA GLY A 44 -23.23 2.32 12.66
C GLY A 44 -21.97 3.13 12.90
N VAL A 45 -22.11 4.47 12.89
CA VAL A 45 -20.96 5.39 13.01
C VAL A 45 -20.98 6.13 14.35
N PHE A 46 -19.80 6.38 14.91
CA PHE A 46 -19.68 7.08 16.19
C PHE A 46 -19.21 8.53 16.05
N HIS A 47 -20.02 9.45 16.53
CA HIS A 47 -19.78 10.90 16.38
C HIS A 47 -19.51 11.58 17.71
N THR A 48 -18.55 12.51 17.71
CA THR A 48 -18.19 13.32 18.90
C THR A 48 -17.28 14.48 18.51
N MET A 49 -17.10 15.43 19.43
CA MET A 49 -16.26 16.62 19.22
C MET A 49 -14.78 16.25 19.09
N TRP A 50 -14.02 17.03 18.33
CA TRP A 50 -12.60 16.74 18.11
C TRP A 50 -11.81 16.89 19.41
N HIS A 51 -12.10 17.94 20.18
CA HIS A 51 -11.36 18.24 21.42
C HIS A 51 -11.43 17.12 22.46
N VAL A 52 -12.48 16.31 22.39
CA VAL A 52 -12.75 15.27 23.39
C VAL A 52 -11.76 14.10 23.29
N THR A 53 -11.67 13.49 22.11
CA THR A 53 -10.74 12.38 21.91
C THR A 53 -9.33 12.88 21.60
N ARG A 54 -9.22 14.11 21.09
CA ARG A 54 -7.94 14.71 20.70
C ARG A 54 -7.25 13.87 19.60
N GLY A 55 -7.98 12.91 19.05
CA GLY A 55 -7.47 12.07 17.96
C GLY A 55 -7.32 10.59 18.28
N SER A 56 -7.47 10.25 19.56
CA SER A 56 -7.26 8.90 20.08
C SER A 56 -8.20 7.86 19.50
N VAL A 57 -8.01 6.59 19.90
CA VAL A 57 -8.98 5.52 19.66
C VAL A 57 -9.83 5.30 20.89
N ILE A 58 -10.97 4.62 20.71
CA ILE A 58 -11.84 4.23 21.83
C ILE A 58 -12.00 2.70 21.83
N CYS A 59 -12.47 2.15 22.95
CA CYS A 59 -12.54 0.68 23.12
C CYS A 59 -13.92 0.12 23.51
N HIS A 60 -14.19 -1.09 23.02
CA HIS A 60 -15.47 -1.77 23.21
C HIS A 60 -15.27 -3.28 23.07
N GLY A 63 -13.51 -4.67 18.84
CA GLY A 63 -12.69 -4.20 19.95
C GLY A 63 -12.44 -2.71 19.90
N ARG A 64 -11.44 -2.31 19.13
CA ARG A 64 -11.05 -0.91 18.97
C ARG A 64 -12.07 -0.11 18.15
N LEU A 65 -12.00 1.22 18.21
CA LEU A 65 -12.79 2.08 17.32
C LEU A 65 -11.97 2.99 16.42
N GLU A 66 -12.19 2.83 15.12
CA GLU A 66 -11.40 3.45 14.05
C GLU A 66 -11.76 4.92 13.89
N PRO A 67 -10.78 5.83 14.08
CA PRO A 67 -10.98 7.25 13.77
C PRO A 67 -10.84 7.45 12.26
N SER A 68 -11.95 7.78 11.60
CA SER A 68 -12.01 7.79 10.14
C SER A 68 -12.02 9.20 9.53
N TRP A 69 -12.88 10.07 10.07
CA TRP A 69 -13.10 11.40 9.52
C TRP A 69 -13.11 12.46 10.62
N ALA A 70 -12.57 13.64 10.31
CA ALA A 70 -12.65 14.78 11.21
C ALA A 70 -12.47 16.11 10.48
N ASP A 71 -13.46 17.00 10.66
CA ASP A 71 -13.30 18.41 10.36
C ASP A 71 -12.73 19.01 11.64
N VAL A 72 -11.45 19.35 11.59
CA VAL A 72 -10.70 19.76 12.78
C VAL A 72 -11.16 21.14 13.26
N ARG A 73 -11.09 22.12 12.36
CA ARG A 73 -11.41 23.51 12.69
C ARG A 73 -12.80 23.65 13.31
N ASN A 74 -13.79 23.01 12.69
CA ASN A 74 -15.16 23.00 13.21
C ASN A 74 -15.32 22.19 14.48
N ASP A 75 -14.26 21.46 14.86
CA ASP A 75 -14.21 20.65 16.08
C ASP A 75 -15.23 19.50 16.08
N MET A 76 -14.89 18.40 15.39
CA MET A 76 -15.67 17.15 15.42
C MET A 76 -14.99 15.98 14.71
N ILE A 77 -15.21 14.78 15.25
CA ILE A 77 -14.62 13.56 14.72
C ILE A 77 -15.65 12.43 14.56
N SER A 78 -15.39 11.54 13.60
CA SER A 78 -16.26 10.41 13.25
C SER A 78 -15.51 9.07 13.36
N TYR A 79 -16.19 8.06 13.89
CA TYR A 79 -15.61 6.73 14.12
C TYR A 79 -16.35 5.62 13.37
N GLY A 80 -15.66 4.99 12.41
CA GLY A 80 -16.20 3.85 11.67
C GLY A 80 -16.83 4.22 10.34
N GLY A 81 -16.78 5.52 10.00
CA GLY A 81 -17.34 6.03 8.76
C GLY A 81 -17.54 7.54 8.78
N GLY A 82 -18.59 8.00 8.10
CA GLY A 82 -18.93 9.42 8.03
C GLY A 82 -20.11 9.80 8.90
N TRP A 83 -20.34 11.11 9.02
CA TRP A 83 -21.41 11.69 9.83
C TRP A 83 -22.81 11.27 9.36
N ARG A 84 -23.78 11.33 10.27
CA ARG A 84 -25.18 11.05 9.97
C ARG A 84 -26.07 12.14 10.58
N LEU A 85 -27.06 12.59 9.81
CA LEU A 85 -27.94 13.69 10.26
C LEU A 85 -29.43 13.45 9.97
N GLY A 86 -30.28 14.11 10.77
CA GLY A 86 -31.73 14.12 10.55
C GLY A 86 -32.18 15.39 9.85
N ASP A 87 -31.70 16.53 10.36
CA ASP A 87 -31.93 17.85 9.77
C ASP A 87 -30.98 18.91 10.35
N LYS A 88 -31.31 20.18 10.10
CA LYS A 88 -30.67 21.31 10.76
C LYS A 88 -31.70 22.07 11.61
N TRP A 89 -31.24 23.11 12.29
CA TRP A 89 -32.10 23.96 13.12
C TRP A 89 -33.07 24.81 12.27
N ASP A 90 -34.02 25.46 12.95
CA ASP A 90 -35.05 26.30 12.34
C ASP A 90 -36.04 25.48 11.52
N ASP A 94 -36.97 25.81 19.66
CA ASP A 94 -37.76 24.62 19.35
C ASP A 94 -36.99 23.29 19.54
N VAL A 95 -35.94 23.29 20.38
CA VAL A 95 -35.05 22.12 20.50
C VAL A 95 -34.65 21.70 21.93
N GLN A 96 -34.28 20.42 22.08
CA GLN A 96 -33.89 19.83 23.38
C GLN A 96 -32.41 19.42 23.41
N VAL A 97 -31.74 19.68 24.53
CA VAL A 97 -30.35 19.25 24.74
C VAL A 97 -30.31 18.15 25.80
N LEU A 98 -30.31 16.91 25.33
CA LEU A 98 -30.19 15.74 26.19
C LEU A 98 -28.78 15.69 26.78
N ALA A 99 -28.58 16.45 27.87
CA ALA A 99 -27.25 16.64 28.46
C ALA A 99 -26.84 15.50 29.39
N ILE A 100 -25.70 14.89 29.09
CA ILE A 100 -25.20 13.76 29.88
C ILE A 100 -24.04 14.23 30.77
N GLU A 101 -24.40 14.82 31.91
CA GLU A 101 -23.46 15.35 32.90
C GLU A 101 -22.61 14.25 33.59
N PRO A 102 -21.29 14.52 33.82
CA PRO A 102 -20.38 13.56 34.43
C PRO A 102 -20.55 13.45 35.94
N GLY A 103 -20.83 12.25 36.43
CA GLY A 103 -21.20 12.06 37.83
C GLY A 103 -22.61 12.58 38.09
N LYS A 104 -23.42 12.64 37.03
CA LYS A 104 -24.84 13.00 37.09
C LYS A 104 -25.67 12.16 36.12
N ASN A 105 -26.83 12.65 35.74
CA ASN A 105 -27.76 11.88 34.92
C ASN A 105 -28.24 12.61 33.67
N PRO A 106 -28.78 11.85 32.68
CA PRO A 106 -29.39 12.44 31.50
C PRO A 106 -30.63 13.24 31.86
N LYS A 107 -30.64 14.51 31.48
CA LYS A 107 -31.77 15.40 31.70
C LYS A 107 -32.07 16.17 30.40
N HIS A 108 -33.27 15.97 29.86
CA HIS A 108 -33.72 16.69 28.68
C HIS A 108 -33.85 18.17 29.01
N VAL A 109 -33.10 19.01 28.29
CA VAL A 109 -33.16 20.45 28.50
C VAL A 109 -33.59 21.13 27.20
N GLN A 110 -34.80 21.72 27.21
CA GLN A 110 -35.36 22.38 26.02
C GLN A 110 -35.17 23.89 26.00
N THR A 111 -34.92 24.43 24.81
CA THR A 111 -34.58 25.85 24.65
C THR A 111 -34.68 26.29 23.18
N LYS A 112 -34.83 27.60 22.97
CA LYS A 112 -34.72 28.19 21.63
C LYS A 112 -33.29 28.69 21.41
N PRO A 113 -32.62 28.22 20.34
CA PRO A 113 -31.28 28.71 20.00
C PRO A 113 -31.29 30.13 19.45
N GLY A 114 -30.25 30.88 19.76
CA GLY A 114 -30.07 32.23 19.26
C GLY A 114 -29.70 32.24 17.80
N LEU A 115 -29.77 33.42 17.19
CA LEU A 115 -29.64 33.58 15.75
C LEU A 115 -28.36 34.32 15.35
N PHE A 116 -27.26 34.03 16.06
CA PHE A 116 -26.04 34.83 15.98
C PHE A 116 -25.35 34.81 14.62
N LYS A 117 -24.84 35.97 14.21
CA LYS A 117 -24.36 36.20 12.85
C LYS A 117 -23.11 35.41 12.44
N THR A 118 -22.06 35.50 13.28
CA THR A 118 -20.72 34.92 13.02
C THR A 118 -19.90 35.80 12.07
N GLU A 122 -23.00 32.09 9.31
CA GLU A 122 -24.30 31.70 9.86
C GLU A 122 -24.19 30.43 10.70
N ILE A 123 -24.07 30.62 12.02
CA ILE A 123 -24.08 29.52 12.97
C ILE A 123 -25.09 29.84 14.08
N GLY A 124 -25.99 28.90 14.36
CA GLY A 124 -26.92 29.02 15.48
C GLY A 124 -26.31 28.45 16.74
N ALA A 125 -26.87 28.82 17.89
CA ALA A 125 -26.36 28.37 19.19
C ALA A 125 -27.35 28.53 20.36
N VAL A 126 -27.15 27.72 21.40
CA VAL A 126 -27.99 27.75 22.60
C VAL A 126 -27.32 28.46 23.78
N THR A 127 -28.12 29.09 24.64
CA THR A 127 -27.62 29.72 25.87
C THR A 127 -27.74 28.71 27.02
N LEU A 128 -26.87 27.71 26.98
CA LEU A 128 -26.87 26.62 27.96
C LEU A 128 -25.45 26.29 28.36
N ASP A 129 -25.20 26.34 29.68
CA ASP A 129 -23.89 26.07 30.26
C ASP A 129 -23.90 24.80 31.10
N PHE A 130 -23.42 23.72 30.51
CA PHE A 130 -23.20 22.48 31.23
C PHE A 130 -21.70 22.31 31.48
N LYS A 131 -21.35 21.71 32.62
CA LYS A 131 -19.96 21.63 33.09
C LYS A 131 -19.02 20.86 32.13
N PRO A 132 -17.70 21.15 32.16
CA PRO A 132 -16.77 20.48 31.26
C PRO A 132 -16.87 18.95 31.35
N GLY A 133 -16.76 18.28 30.22
CA GLY A 133 -16.97 16.84 30.13
C GLY A 133 -18.27 16.50 29.43
N THR A 134 -19.15 17.49 29.29
CA THR A 134 -20.46 17.33 28.63
C THR A 134 -20.34 17.41 27.09
N SER A 135 -19.26 18.02 26.62
CA SER A 135 -19.06 18.24 25.19
C SER A 135 -19.28 16.97 24.37
N GLY A 136 -20.21 17.06 23.44
CA GLY A 136 -20.59 15.94 22.58
C GLY A 136 -22.04 15.52 22.72
N SER A 137 -22.78 16.24 23.58
CA SER A 137 -24.18 15.95 23.86
C SER A 137 -25.09 16.15 22.66
N PRO A 138 -26.03 15.22 22.45
CA PRO A 138 -27.02 15.30 21.38
C PRO A 138 -28.08 16.40 21.57
N ILE A 139 -28.17 17.28 20.57
CA ILE A 139 -29.26 18.29 20.47
C ILE A 139 -30.35 17.75 19.53
N ILE A 140 -31.61 17.83 19.98
CA ILE A 140 -32.76 17.19 19.31
C ILE A 140 -33.82 18.20 18.85
N ASN A 141 -34.15 18.18 17.55
CA ASN A 141 -35.36 18.85 17.04
C ASN A 141 -36.53 17.91 17.33
N LYS A 142 -37.69 18.48 17.70
CA LYS A 142 -38.76 17.69 18.33
C LYS A 142 -39.39 16.57 17.48
N LYS A 143 -38.58 15.55 17.22
CA LYS A 143 -38.98 14.32 16.57
C LYS A 143 -38.29 13.17 17.29
N GLY A 144 -36.98 13.07 17.06
CA GLY A 144 -36.14 12.01 17.61
C GLY A 144 -34.89 11.85 16.77
N LYS A 145 -34.54 12.93 16.06
CA LYS A 145 -33.40 12.96 15.16
C LYS A 145 -32.45 14.10 15.54
N VAL A 146 -31.16 13.77 15.61
CA VAL A 146 -30.13 14.70 16.05
C VAL A 146 -29.78 15.73 14.96
N ILE A 147 -29.80 17.01 15.34
CA ILE A 147 -29.49 18.12 14.42
C ILE A 147 -28.18 18.87 14.76
N GLY A 148 -27.36 18.25 15.61
CA GLY A 148 -26.07 18.81 15.97
C GLY A 148 -25.55 18.34 17.32
N LEU A 149 -24.39 18.87 17.69
CA LEU A 149 -23.74 18.53 18.96
C LEU A 149 -23.43 19.79 19.75
N TYR A 150 -23.50 19.66 21.07
CA TYR A 150 -23.25 20.76 22.00
C TYR A 150 -21.75 21.04 22.08
N GLY A 151 -21.36 22.21 21.57
CA GLY A 151 -19.95 22.58 21.45
C GLY A 151 -19.46 23.54 22.53
N ASN A 152 -18.47 23.09 23.29
CA ASN A 152 -17.91 23.88 24.39
C ASN A 152 -16.46 24.26 24.11
N GLY A 153 -16.19 25.54 23.85
CA GLY A 153 -17.22 26.58 23.79
C GLY A 153 -16.69 27.90 23.25
N TYR A 161 -18.45 32.84 23.74
CA TYR A 161 -19.26 33.06 24.94
C TYR A 161 -20.41 32.06 25.07
N VAL A 162 -21.16 31.85 23.98
CA VAL A 162 -22.27 30.88 23.95
C VAL A 162 -21.87 29.56 23.29
N SER A 163 -22.67 28.52 23.49
CA SER A 163 -22.32 27.16 23.07
C SER A 163 -22.97 26.74 21.74
N ALA A 164 -22.13 26.61 20.69
CA ALA A 164 -22.57 26.36 19.32
C ALA A 164 -23.28 25.03 19.09
N ILE A 165 -24.11 24.98 18.04
CA ILE A 165 -24.74 23.73 17.59
C ILE A 165 -23.84 23.13 16.50
N THR A 166 -22.74 22.53 16.94
CA THR A 166 -21.65 22.14 16.06
C THR A 166 -22.06 21.11 15.00
N GLN A 167 -21.97 21.52 13.74
CA GLN A 167 -22.15 20.66 12.57
C GLN A 167 -21.71 21.37 11.27
N ALA A 168 -21.43 20.58 10.23
CA ALA A 168 -21.02 21.10 8.91
C ALA A 168 -22.06 20.81 7.81
N GLU A 169 -21.62 20.75 6.54
CA GLU A 169 -22.50 20.44 5.42
C GLU A 169 -22.95 18.98 5.42
N ARG A 170 -23.73 18.60 4.40
CA ARG A 170 -24.22 17.23 4.26
C ARG A 170 -23.07 16.20 4.23
N ILE A 171 -23.22 15.14 5.01
CA ILE A 171 -22.21 14.08 5.10
C ILE A 171 -22.87 12.71 5.29
N GLY A 172 -22.16 11.63 4.97
CA GLY A 172 -20.81 11.67 4.42
C GLY A 172 -20.52 10.51 3.49
N GLU A 173 -19.79 9.51 3.98
CA GLU A 173 -19.41 8.36 3.17
C GLU A 173 -20.23 7.10 3.48
N GLY A 174 -19.74 6.28 4.42
CA GLY A 174 -20.38 5.00 4.72
C GLY A 174 -19.68 4.15 5.77
N PRO A 175 -20.48 3.62 6.70
CA PRO A 175 -20.03 2.74 7.78
C PRO A 175 -19.30 1.49 7.29
N ASP A 176 -18.59 0.83 8.22
CA ASP A 176 -17.68 -0.28 7.91
C ASP A 176 -18.27 -1.58 7.33
N TYR A 177 -19.48 -1.49 6.75
CA TYR A 177 -20.09 -2.62 6.01
C TYR A 177 -20.19 -2.33 4.51
N GLU A 178 -19.94 -3.37 3.70
CA GLU A 178 -19.78 -3.18 2.26
C GLU A 178 -20.91 -3.83 1.46
N VAL A 179 -21.43 -3.12 0.46
CA VAL A 179 -22.37 -3.69 -0.52
C VAL A 179 -21.75 -3.86 -1.92
N ASP A 180 -21.89 -5.06 -2.49
CA ASP A 180 -21.22 -5.40 -3.75
C ASP A 180 -22.10 -6.14 -4.76
N GLU A 181 -21.67 -6.15 -6.02
CA GLU A 181 -22.41 -6.71 -7.17
C GLU A 181 -22.19 -8.24 -7.34
N ASP A 182 -22.38 -8.93 -8.48
CA ASP A 182 -22.25 -8.55 -9.91
C ASP A 182 -20.78 -8.46 -10.34
N ILE A 183 -19.90 -8.42 -9.35
CA ILE A 183 -18.46 -8.41 -9.56
C ILE A 183 -17.89 -9.84 -9.63
N PHE A 184 -18.78 -10.82 -9.80
CA PHE A 184 -18.40 -12.23 -9.76
C PHE A 184 -18.74 -12.95 -11.06
N ARG A 185 -19.42 -12.27 -11.97
CA ARG A 185 -19.78 -12.88 -13.26
C ARG A 185 -18.54 -13.06 -14.10
N LYS A 186 -18.46 -14.20 -14.78
CA LYS A 186 -17.33 -14.55 -15.64
C LYS A 186 -17.19 -13.53 -16.79
N LYS A 187 -15.96 -13.34 -17.26
CA LYS A 187 -15.65 -12.36 -18.31
C LYS A 187 -15.86 -10.90 -17.83
N ARG A 188 -15.64 -10.69 -16.52
CA ARG A 188 -15.70 -9.36 -15.93
C ARG A 188 -14.43 -8.99 -15.18
N LEU A 189 -14.05 -7.72 -15.27
CA LEU A 189 -12.90 -7.22 -14.52
C LEU A 189 -13.26 -5.91 -13.86
N THR A 190 -12.89 -5.78 -12.60
CA THR A 190 -13.27 -4.62 -11.83
C THR A 190 -12.07 -4.01 -11.15
N ILE A 191 -12.07 -2.68 -11.07
CA ILE A 191 -11.08 -1.98 -10.30
C ILE A 191 -11.74 -1.34 -9.08
N MET A 192 -11.27 -1.71 -7.89
CA MET A 192 -11.61 -0.96 -6.71
C MET A 192 -10.43 -0.11 -6.31
N ASP A 193 -10.66 1.21 -6.24
CA ASP A 193 -9.61 2.14 -5.85
C ASP A 193 -9.71 2.46 -4.36
N LEU A 194 -9.81 1.41 -3.56
CA LEU A 194 -9.95 1.47 -2.09
C LEU A 194 -9.11 2.58 -1.44
N HIS A 195 -9.61 3.10 -0.33
CA HIS A 195 -9.01 4.22 0.38
C HIS A 195 -9.30 4.18 1.89
N PRO A 196 -8.22 4.20 2.73
CA PRO A 196 -8.16 4.14 4.21
C PRO A 196 -9.29 4.77 5.05
N GLY A 197 -10.52 4.30 4.84
CA GLY A 197 -11.69 4.72 5.63
C GLY A 197 -12.25 3.59 6.47
N ALA A 198 -13.22 2.87 5.89
CA ALA A 198 -13.91 1.73 6.53
C ALA A 198 -14.82 0.99 5.54
N GLY A 199 -14.36 -0.11 4.95
CA GLY A 199 -13.05 -0.68 5.27
C GLY A 199 -12.03 -0.40 4.20
N LYS A 200 -11.24 -1.43 3.87
CA LYS A 200 -10.10 -1.32 2.96
C LYS A 200 -9.45 -2.72 2.82
N THR A 201 -8.37 -2.93 3.58
CA THR A 201 -7.87 -4.27 3.88
C THR A 201 -8.61 -4.73 5.15
N LYS A 202 -9.44 -3.81 5.69
CA LYS A 202 -10.26 -4.03 6.88
C LYS A 202 -11.62 -4.68 6.60
N ARG A 203 -12.51 -4.00 5.86
CA ARG A 203 -13.88 -4.52 5.64
C ARG A 203 -14.21 -4.99 4.22
N ILE A 204 -13.46 -4.52 3.22
CA ILE A 204 -13.77 -4.79 1.82
C ILE A 204 -13.33 -6.20 1.39
N LEU A 205 -12.08 -6.54 1.69
CA LEU A 205 -11.57 -7.85 1.32
C LEU A 205 -12.30 -9.02 2.01
N PRO A 206 -12.50 -8.97 3.33
CA PRO A 206 -13.20 -10.13 3.91
C PRO A 206 -14.63 -10.25 3.37
N SER A 207 -15.22 -9.10 3.06
CA SER A 207 -16.58 -9.01 2.58
C SER A 207 -16.76 -9.80 1.28
N ILE A 208 -15.87 -9.56 0.32
CA ILE A 208 -15.98 -10.22 -0.97
C ILE A 208 -15.61 -11.69 -0.86
N VAL A 209 -14.70 -12.00 0.05
CA VAL A 209 -14.27 -13.37 0.28
C VAL A 209 -15.42 -14.17 0.90
N ARG A 210 -16.06 -13.63 1.93
CA ARG A 210 -17.27 -14.24 2.49
C ARG A 210 -18.29 -14.51 1.38
N GLU A 211 -18.54 -13.49 0.56
CA GLU A 211 -19.45 -13.59 -0.57
C GLU A 211 -19.01 -14.63 -1.61
N ALA A 212 -17.71 -14.72 -1.85
CA ALA A 212 -17.14 -15.68 -2.82
C ALA A 212 -17.34 -17.13 -2.38
N LEU A 213 -17.00 -17.41 -1.11
CA LEU A 213 -17.15 -18.73 -0.52
C LEU A 213 -18.59 -19.20 -0.52
N LYS A 214 -19.49 -18.24 -0.27
CA LYS A 214 -20.93 -18.45 -0.32
C LYS A 214 -21.36 -18.84 -1.74
N ARG A 215 -20.56 -18.45 -2.72
CA ARG A 215 -20.88 -18.69 -4.11
C ARG A 215 -20.07 -19.84 -4.74
N ARG A 216 -19.42 -20.63 -3.89
CA ARG A 216 -18.60 -21.80 -4.31
C ARG A 216 -17.54 -21.52 -5.42
N LEU A 217 -16.88 -20.37 -5.32
CA LEU A 217 -15.88 -20.00 -6.29
C LEU A 217 -14.48 -20.26 -5.74
N ARG A 218 -13.73 -21.12 -6.43
CA ARG A 218 -12.31 -21.30 -6.18
C ARG A 218 -11.59 -19.95 -6.28
N THR A 219 -11.33 -19.33 -5.13
CA THR A 219 -10.82 -17.95 -5.10
C THR A 219 -9.33 -17.89 -4.84
N LEU A 220 -8.64 -17.10 -5.65
CA LEU A 220 -7.22 -16.80 -5.46
C LEU A 220 -7.05 -15.35 -4.99
N ILE A 221 -6.17 -15.12 -4.01
CA ILE A 221 -5.82 -13.74 -3.58
C ILE A 221 -4.34 -13.45 -3.77
N LEU A 222 -3.99 -12.28 -4.29
CA LEU A 222 -2.58 -11.97 -4.54
C LEU A 222 -2.06 -10.72 -3.84
N ALA A 223 -1.14 -10.92 -2.88
CA ALA A 223 -0.42 -9.84 -2.18
C ALA A 223 0.90 -9.47 -2.86
N PRO A 224 1.30 -8.19 -2.81
CA PRO A 224 2.63 -7.87 -3.32
C PRO A 224 3.75 -8.46 -2.48
N THR A 225 3.58 -8.51 -1.16
CA THR A 225 4.69 -8.96 -0.30
C THR A 225 4.20 -9.90 0.76
N ARG A 226 5.09 -10.76 1.26
CA ARG A 226 4.77 -11.63 2.37
C ARG A 226 4.14 -10.83 3.49
N VAL A 227 4.73 -9.68 3.80
CA VAL A 227 4.25 -8.90 4.91
C VAL A 227 2.82 -8.43 4.67
N VAL A 228 2.49 -8.09 3.44
CA VAL A 228 1.10 -7.70 3.15
C VAL A 228 0.16 -8.92 3.20
N ALA A 229 0.65 -10.09 2.78
CA ALA A 229 -0.15 -11.33 2.87
C ALA A 229 -0.42 -11.72 4.32
N ALA A 230 0.59 -11.54 5.16
CA ALA A 230 0.46 -11.80 6.60
C ALA A 230 -0.67 -10.94 7.18
N GLU A 231 -0.77 -9.71 6.71
CA GLU A 231 -1.76 -8.77 7.25
C GLU A 231 -3.15 -9.10 6.72
N MET A 232 -3.18 -9.62 5.50
CA MET A 232 -4.36 -10.26 4.98
C MET A 232 -4.88 -11.41 5.88
N GLU A 233 -3.99 -12.26 6.37
CA GLU A 233 -4.38 -13.41 7.17
C GLU A 233 -5.11 -13.04 8.46
N GLU A 234 -4.61 -12.03 9.17
CA GLU A 234 -5.25 -11.53 10.39
C GLU A 234 -6.63 -10.95 10.05
N ALA A 235 -6.72 -10.25 8.92
CA ALA A 235 -7.96 -9.65 8.46
C ALA A 235 -8.99 -10.70 8.08
N LEU A 236 -8.48 -11.88 7.71
CA LEU A 236 -9.32 -12.97 7.26
C LEU A 236 -9.49 -14.06 8.30
N ARG A 237 -8.72 -13.96 9.39
CA ARG A 237 -8.71 -15.01 10.40
C ARG A 237 -10.14 -15.46 10.64
N GLY A 238 -10.41 -16.73 10.35
CA GLY A 238 -11.76 -17.27 10.41
C GLY A 238 -12.28 -17.78 9.07
N LEU A 239 -11.57 -17.49 8.00
CA LEU A 239 -11.92 -18.06 6.71
C LEU A 239 -10.96 -19.18 6.33
N PRO A 240 -11.41 -20.12 5.48
CA PRO A 240 -10.49 -21.17 5.02
C PRO A 240 -9.45 -20.62 4.05
N ILE A 241 -8.41 -20.00 4.60
CA ILE A 241 -7.42 -19.29 3.82
C ILE A 241 -6.01 -19.90 3.96
N ARG A 242 -5.50 -20.52 2.90
CA ARG A 242 -4.19 -21.19 2.97
C ARG A 242 -3.11 -20.37 2.30
N TYR A 243 -2.02 -20.11 3.01
CA TYR A 243 -0.89 -19.40 2.42
C TYR A 243 0.00 -20.34 1.63
N GLN A 244 0.46 -19.88 0.47
CA GLN A 244 1.14 -20.77 -0.47
C GLN A 244 2.57 -20.35 -0.84
N THR A 245 3.57 -21.03 -0.28
CA THR A 245 5.00 -20.77 -0.57
C THR A 245 5.31 -20.89 -2.04
N PRO A 246 6.26 -20.07 -2.52
CA PRO A 246 6.91 -20.28 -3.83
C PRO A 246 7.59 -21.65 -3.95
N ALA A 247 8.17 -22.15 -2.87
CA ALA A 247 8.88 -23.45 -2.88
C ALA A 247 8.00 -24.65 -3.27
N VAL A 248 6.70 -24.46 -3.31
CA VAL A 248 5.78 -25.49 -3.71
C VAL A 248 5.17 -25.10 -5.05
N LYS A 249 5.26 -26.00 -6.02
CA LYS A 249 4.83 -25.70 -7.40
C LYS A 249 3.33 -25.77 -7.62
N SER A 250 2.62 -26.51 -6.77
CA SER A 250 1.15 -26.40 -6.65
C SER A 250 0.63 -27.24 -5.49
N ASP A 251 -0.52 -26.84 -4.97
CA ASP A 251 -1.13 -27.45 -3.81
C ASP A 251 -2.62 -27.53 -4.10
N HIS A 252 -3.27 -28.61 -3.68
CA HIS A 252 -4.66 -28.88 -4.03
C HIS A 252 -5.32 -29.73 -2.97
N THR A 253 -6.51 -29.33 -2.54
CA THR A 253 -7.17 -30.04 -1.44
C THR A 253 -8.52 -30.57 -1.89
N GLY A 254 -9.17 -29.83 -2.78
CA GLY A 254 -10.50 -30.19 -3.25
C GLY A 254 -11.62 -29.91 -2.24
N ARG A 255 -11.25 -29.48 -1.04
CA ARG A 255 -12.23 -28.90 -0.13
C ARG A 255 -12.20 -27.39 -0.33
N GLU A 256 -13.28 -26.71 0.05
CA GLU A 256 -13.38 -25.28 -0.19
C GLU A 256 -12.30 -24.53 0.58
N ILE A 257 -11.40 -23.94 -0.20
CA ILE A 257 -10.23 -23.27 0.34
C ILE A 257 -10.00 -21.97 -0.46
N VAL A 258 -9.22 -21.05 0.11
CA VAL A 258 -8.88 -19.82 -0.56
C VAL A 258 -7.35 -19.65 -0.49
N ASP A 259 -6.72 -19.49 -1.67
CA ASP A 259 -5.27 -19.46 -1.77
C ASP A 259 -4.73 -18.05 -1.63
N LEU A 260 -3.68 -17.91 -0.83
CA LEU A 260 -3.09 -16.63 -0.61
C LEU A 260 -1.64 -16.72 -0.99
N MET A 261 -1.23 -15.91 -1.97
CA MET A 261 0.15 -15.89 -2.43
C MET A 261 0.64 -14.51 -2.89
N CYS A 262 1.95 -14.38 -3.03
CA CYS A 262 2.57 -13.21 -3.60
C CYS A 262 2.37 -13.20 -5.12
N HIS A 263 2.27 -12.03 -5.72
CA HIS A 263 2.28 -11.94 -7.18
C HIS A 263 3.32 -12.89 -7.79
N ALA A 264 4.55 -12.86 -7.29
CA ALA A 264 5.65 -13.63 -7.88
C ALA A 264 5.46 -15.16 -7.71
N THR A 265 4.80 -15.57 -6.63
CA THR A 265 4.50 -16.98 -6.40
C THR A 265 3.59 -17.48 -7.52
N PHE A 266 2.53 -16.73 -7.78
CA PHE A 266 1.62 -17.05 -8.87
C PHE A 266 2.42 -17.24 -10.15
N THR A 267 3.15 -16.21 -10.56
CA THR A 267 3.84 -16.27 -11.86
C THR A 267 4.78 -17.47 -11.95
N THR A 268 5.58 -17.68 -10.92
CA THR A 268 6.56 -18.77 -10.96
C THR A 268 5.85 -20.13 -11.05
N ARG A 269 4.72 -20.25 -10.36
CA ARG A 269 3.88 -21.45 -10.50
C ARG A 269 3.30 -21.56 -11.91
N LEU A 270 2.80 -20.45 -12.45
CA LEU A 270 2.37 -20.43 -13.86
C LEU A 270 3.48 -20.86 -14.83
N LEU A 271 4.74 -20.68 -14.43
CA LEU A 271 5.87 -21.03 -15.28
C LEU A 271 6.36 -22.45 -15.12
N SER A 272 6.15 -23.03 -13.95
CA SER A 272 6.83 -24.26 -13.61
C SER A 272 5.88 -25.40 -13.36
N SER A 273 4.69 -25.09 -12.85
CA SER A 273 3.70 -26.14 -12.64
C SER A 273 3.02 -26.51 -13.94
N THR A 274 2.75 -27.80 -14.08
CA THR A 274 1.95 -28.30 -15.20
C THR A 274 0.46 -28.19 -14.95
N ARG A 275 0.08 -27.96 -13.69
CA ARG A 275 -1.30 -28.04 -13.26
C ARG A 275 -1.93 -26.67 -13.17
N VAL A 276 -2.49 -26.22 -14.29
CA VAL A 276 -3.31 -25.02 -14.33
C VAL A 276 -4.48 -25.20 -13.36
N PRO A 277 -4.45 -24.49 -12.21
CA PRO A 277 -5.66 -24.53 -11.37
C PRO A 277 -6.61 -23.51 -11.94
N ASN A 278 -7.87 -23.88 -12.08
CA ASN A 278 -8.83 -23.03 -12.78
C ASN A 278 -9.64 -22.16 -11.82
N TYR A 279 -8.96 -21.30 -11.08
CA TYR A 279 -9.64 -20.30 -10.27
C TYR A 279 -10.64 -19.55 -11.14
N ASN A 280 -11.82 -19.29 -10.59
CA ASN A 280 -12.80 -18.46 -11.26
C ASN A 280 -12.90 -17.04 -10.68
N LEU A 281 -12.42 -16.85 -9.46
CA LEU A 281 -12.27 -15.49 -8.94
C LEU A 281 -10.79 -15.25 -8.65
N ILE A 282 -10.22 -14.20 -9.21
CA ILE A 282 -8.86 -13.83 -8.86
C ILE A 282 -8.88 -12.37 -8.41
N VAL A 283 -8.26 -12.12 -7.25
CA VAL A 283 -8.26 -10.82 -6.60
C VAL A 283 -6.84 -10.36 -6.41
N MET A 284 -6.48 -9.22 -7.00
CA MET A 284 -5.11 -8.70 -6.86
C MET A 284 -5.06 -7.45 -6.00
N ASP A 285 -4.59 -7.57 -4.76
CA ASP A 285 -4.32 -6.38 -3.95
C ASP A 285 -3.10 -5.63 -4.49
N GLU A 286 -3.12 -4.30 -4.39
CA GLU A 286 -2.02 -3.44 -4.90
C GLU A 286 -1.63 -3.72 -6.37
N ALA A 287 -2.60 -3.69 -7.27
CA ALA A 287 -2.41 -4.06 -8.69
C ALA A 287 -1.57 -3.10 -9.56
N HIS A 288 -0.88 -2.15 -8.94
CA HIS A 288 -0.10 -1.17 -9.68
C HIS A 288 1.38 -1.55 -9.71
N PHE A 289 1.77 -2.53 -8.89
CA PHE A 289 3.12 -3.04 -8.86
C PHE A 289 3.61 -3.30 -10.28
N THR A 290 4.65 -2.59 -10.68
CA THR A 290 5.24 -2.71 -12.01
C THR A 290 6.42 -3.70 -12.00
N ASP A 291 6.45 -4.54 -10.99
CA ASP A 291 7.49 -5.53 -10.88
C ASP A 291 7.07 -6.62 -11.87
N PRO A 292 8.01 -7.15 -12.67
CA PRO A 292 7.61 -7.95 -13.84
C PRO A 292 6.73 -9.17 -13.50
N CYS A 293 6.91 -9.75 -12.34
CA CYS A 293 6.09 -10.87 -11.97
C CYS A 293 4.65 -10.38 -11.87
N SER A 294 4.50 -9.13 -11.43
CA SER A 294 3.20 -8.49 -11.31
C SER A 294 2.59 -8.20 -12.65
N VAL A 295 3.35 -7.51 -13.48
CA VAL A 295 2.88 -7.15 -14.78
C VAL A 295 2.41 -8.45 -15.43
N ALA A 296 3.23 -9.49 -15.33
CA ALA A 296 2.92 -10.81 -15.87
C ALA A 296 1.60 -11.35 -15.33
N ALA A 297 1.52 -11.46 -14.01
CA ALA A 297 0.27 -11.92 -13.36
C ALA A 297 -0.91 -11.23 -13.99
N ARG A 298 -0.84 -9.90 -14.06
CA ARG A 298 -1.97 -9.12 -14.57
C ARG A 298 -2.30 -9.51 -16.00
N GLY A 299 -1.29 -9.76 -16.82
CA GLY A 299 -1.52 -10.18 -18.21
C GLY A 299 -2.22 -11.53 -18.36
N TYR A 300 -1.72 -12.53 -17.64
CA TYR A 300 -2.37 -13.82 -17.60
C TYR A 300 -3.82 -13.68 -17.13
N ILE A 301 -4.01 -12.97 -16.02
CA ILE A 301 -5.32 -12.89 -15.37
C ILE A 301 -6.34 -12.30 -16.34
N SER A 302 -5.95 -11.20 -16.96
CA SER A 302 -6.77 -10.52 -17.93
C SER A 302 -7.18 -11.49 -19.05
N THR A 303 -6.28 -12.41 -19.40
CA THR A 303 -6.52 -13.38 -20.47
C THR A 303 -7.54 -14.44 -20.04
N ARG A 304 -7.51 -14.82 -18.77
CA ARG A 304 -8.49 -15.78 -18.23
C ARG A 304 -9.89 -15.20 -18.24
N VAL A 305 -9.96 -13.89 -18.00
CA VAL A 305 -11.21 -13.14 -17.99
C VAL A 305 -11.86 -13.10 -19.36
N GLU A 306 -11.07 -12.74 -20.39
CA GLU A 306 -11.57 -12.69 -21.77
C GLU A 306 -11.96 -14.08 -22.24
N MET A 307 -11.29 -15.09 -21.69
CA MET A 307 -11.57 -16.48 -21.97
C MET A 307 -13.01 -16.77 -21.66
N GLY A 308 -13.55 -16.05 -20.69
CA GLY A 308 -14.83 -16.38 -20.10
C GLY A 308 -14.58 -17.27 -18.90
N GLU A 309 -13.33 -17.64 -18.70
CA GLU A 309 -12.99 -18.60 -17.67
C GLU A 309 -12.96 -18.02 -16.24
N ALA A 310 -12.60 -16.75 -16.11
CA ALA A 310 -12.42 -16.15 -14.79
C ALA A 310 -13.23 -14.86 -14.53
N ALA A 311 -13.34 -14.49 -13.26
CA ALA A 311 -13.64 -13.11 -12.87
C ALA A 311 -12.43 -12.53 -12.11
N ALA A 312 -12.24 -11.22 -12.21
CA ALA A 312 -11.04 -10.59 -11.63
C ALA A 312 -11.29 -9.22 -11.03
N ILE A 313 -10.62 -8.97 -9.90
CA ILE A 313 -10.71 -7.73 -9.17
C ILE A 313 -9.30 -7.23 -8.93
N PHE A 314 -9.05 -5.97 -9.30
CA PHE A 314 -7.73 -5.36 -9.20
C PHE A 314 -7.82 -4.22 -8.23
N MET A 315 -7.16 -4.32 -7.09
CA MET A 315 -7.28 -3.26 -6.10
C MET A 315 -6.05 -2.36 -6.11
N THR A 316 -6.27 -1.06 -6.20
CA THR A 316 -5.19 -0.08 -6.25
C THR A 316 -5.78 1.32 -6.27
N ALA A 317 -5.13 2.25 -5.60
CA ALA A 317 -5.48 3.66 -5.70
C ALA A 317 -5.01 4.28 -7.02
N THR A 318 -3.99 3.67 -7.65
CA THR A 318 -3.48 4.15 -8.93
C THR A 318 -3.50 3.10 -10.05
N PRO A 319 -4.67 2.88 -10.66
CA PRO A 319 -4.78 1.94 -11.78
C PRO A 319 -3.74 2.18 -12.89
N PRO A 320 -3.15 1.10 -13.44
CA PRO A 320 -2.24 1.25 -14.57
C PRO A 320 -2.86 2.19 -15.63
N GLY A 321 -2.08 3.18 -16.07
CA GLY A 321 -2.59 4.21 -16.97
C GLY A 321 -3.07 5.50 -16.31
N SER A 322 -3.30 5.46 -14.98
CA SER A 322 -3.72 6.66 -14.22
C SER A 322 -2.52 7.58 -14.08
N THR A 323 -2.78 8.89 -14.06
CA THR A 323 -1.73 9.91 -14.15
C THR A 323 -1.93 11.12 -13.25
N ASP A 324 -2.84 11.06 -12.29
CA ASP A 324 -2.97 12.11 -11.28
C ASP A 324 -1.97 11.83 -10.15
N PRO A 325 -0.99 12.74 -9.96
CA PRO A 325 -0.11 12.63 -8.80
C PRO A 325 -0.70 13.28 -7.53
N PHE A 326 -1.91 13.82 -7.62
CA PHE A 326 -2.53 14.47 -6.45
C PHE A 326 -3.94 13.97 -6.12
N PRO A 327 -4.15 12.63 -6.05
CA PRO A 327 -5.51 12.13 -5.91
C PRO A 327 -6.10 12.53 -4.57
N GLN A 328 -7.41 12.28 -4.40
CA GLN A 328 -8.06 12.53 -3.13
C GLN A 328 -7.59 11.53 -2.09
N SER A 329 -7.88 11.84 -0.84
CA SER A 329 -7.34 11.12 0.29
C SER A 329 -8.30 11.28 1.45
N ASN A 330 -8.33 10.27 2.31
CA ASN A 330 -9.28 10.15 3.42
C ASN A 330 -9.24 11.34 4.41
N SER A 331 -8.03 11.80 4.73
CA SER A 331 -7.82 13.02 5.49
C SER A 331 -7.00 14.00 4.66
N PRO A 332 -7.16 15.32 4.95
CA PRO A 332 -6.42 16.40 4.32
C PRO A 332 -4.89 16.26 4.35
N ILE A 333 -4.29 16.50 3.19
CA ILE A 333 -2.84 16.54 3.03
C ILE A 333 -2.43 17.96 2.66
N GLU A 334 -1.47 18.49 3.41
CA GLU A 334 -0.82 19.71 3.03
C GLU A 334 0.27 19.38 2.02
N ASP A 335 0.16 19.92 0.82
CA ASP A 335 1.21 19.73 -0.17
C ASP A 335 2.23 20.86 -0.05
N ILE A 336 3.52 20.53 -0.06
CA ILE A 336 4.57 21.52 0.15
C ILE A 336 5.69 21.31 -0.85
N GLU A 337 5.85 22.24 -1.79
CA GLU A 337 6.87 22.12 -2.81
C GLU A 337 8.15 22.82 -2.33
N ARG A 338 9.21 22.05 -2.14
CA ARG A 338 10.40 22.59 -1.50
C ARG A 338 11.65 21.79 -1.85
N GLU A 339 12.77 22.48 -2.03
CA GLU A 339 14.08 21.87 -2.31
C GLU A 339 14.46 20.94 -1.17
N ILE A 340 14.95 19.75 -1.53
CA ILE A 340 15.27 18.64 -0.62
C ILE A 340 16.67 18.06 -0.88
N PRO A 341 17.44 17.76 0.19
CA PRO A 341 18.77 17.19 0.04
C PRO A 341 18.78 15.88 -0.72
N GLU A 342 19.82 15.70 -1.53
CA GLU A 342 20.02 14.51 -2.34
C GLU A 342 21.32 13.80 -1.90
N ARG A 343 22.02 14.41 -0.93
CA ARG A 343 23.26 13.90 -0.33
C ARG A 343 23.26 14.41 1.11
N SER A 344 24.41 14.36 1.78
CA SER A 344 24.58 14.98 3.12
C SER A 344 24.38 16.50 3.10
N TRP A 345 24.12 17.07 4.28
CA TRP A 345 23.94 18.50 4.47
C TRP A 345 24.28 18.88 5.91
N ASN A 346 24.53 20.18 6.16
CA ASN A 346 24.86 20.64 7.51
C ASN A 346 24.05 21.83 8.07
N THR A 347 23.32 22.53 7.20
CA THR A 347 22.46 23.67 7.59
C THR A 347 21.41 24.02 6.53
N GLY A 348 20.70 25.13 6.76
CA GLY A 348 19.65 25.61 5.84
C GLY A 348 18.55 24.62 5.52
N PHE A 349 18.57 23.46 6.19
CA PHE A 349 17.49 22.47 6.08
C PHE A 349 16.82 22.17 7.42
N ASP A 350 16.90 23.13 8.33
CA ASP A 350 16.27 23.02 9.63
C ASP A 350 14.88 22.36 9.64
N TRP A 351 14.00 22.77 8.71
CA TRP A 351 12.64 22.23 8.59
C TRP A 351 12.62 20.70 8.64
N ILE A 352 13.70 20.08 8.18
CA ILE A 352 13.84 18.64 8.26
C ILE A 352 13.94 18.25 9.73
N THR A 353 15.08 18.56 10.34
CA THR A 353 15.38 18.07 11.68
C THR A 353 14.47 18.69 12.75
N ASP A 354 13.97 19.90 12.49
CA ASP A 354 13.09 20.59 13.43
C ASP A 354 11.73 19.90 13.58
N TYR A 355 11.24 19.31 12.49
CA TYR A 355 9.92 18.68 12.47
C TYR A 355 9.76 17.65 13.58
N GLN A 356 8.70 17.77 14.37
CA GLN A 356 8.60 17.06 15.65
C GLN A 356 7.96 15.66 15.57
N GLY A 357 7.95 15.05 14.39
CA GLY A 357 7.37 13.72 14.26
C GLY A 357 8.01 12.80 13.23
N LYS A 358 7.35 11.67 13.01
CA LYS A 358 7.82 10.62 12.12
C LYS A 358 7.59 10.97 10.65
N THR A 359 8.61 10.74 9.84
CA THR A 359 8.59 11.07 8.43
C THR A 359 8.78 9.81 7.60
N VAL A 360 8.32 9.84 6.35
CA VAL A 360 8.73 8.83 5.37
C VAL A 360 9.49 9.52 4.25
N TRP A 361 10.69 9.04 3.95
CA TRP A 361 11.52 9.65 2.96
C TRP A 361 11.84 8.60 1.90
N PHE A 362 11.35 8.82 0.68
CA PHE A 362 11.66 7.95 -0.44
C PHE A 362 12.93 8.41 -1.08
N VAL A 363 13.83 7.48 -1.33
CA VAL A 363 15.11 7.75 -1.96
C VAL A 363 15.22 6.89 -3.23
N PRO A 364 16.03 7.31 -4.22
CA PRO A 364 16.09 6.53 -5.44
C PRO A 364 16.94 5.28 -5.32
N SER A 365 17.56 5.02 -4.18
CA SER A 365 18.46 3.88 -4.08
C SER A 365 19.02 3.61 -2.70
N ILE A 366 19.32 2.32 -2.41
CA ILE A 366 20.03 1.95 -1.21
C ILE A 366 21.22 2.90 -0.92
N LYS A 367 22.05 3.14 -1.95
CA LYS A 367 23.22 4.01 -1.86
C LYS A 367 22.85 5.42 -1.41
N ALA A 368 21.84 6.00 -2.07
CA ALA A 368 21.34 7.32 -1.70
C ALA A 368 20.82 7.29 -0.27
N GLY A 369 20.12 6.22 0.06
CA GLY A 369 19.56 6.03 1.39
C GLY A 369 20.59 6.03 2.49
N ASN A 370 21.72 5.34 2.27
CA ASN A 370 22.82 5.36 3.24
C ASN A 370 23.26 6.80 3.50
N ASP A 371 23.52 7.55 2.42
CA ASP A 371 23.81 8.98 2.49
C ASP A 371 22.92 9.64 3.51
N ILE A 372 21.61 9.60 3.26
CA ILE A 372 20.63 10.34 4.04
C ILE A 372 20.52 9.81 5.47
N ALA A 373 20.45 8.49 5.61
CA ALA A 373 20.48 7.86 6.93
C ALA A 373 21.73 8.29 7.70
N ASN A 374 22.89 8.04 7.12
CA ASN A 374 24.18 8.46 7.66
C ASN A 374 24.07 9.90 8.15
N CYS A 375 23.44 10.75 7.34
CA CYS A 375 23.29 12.16 7.65
C CYS A 375 22.32 12.38 8.82
N LEU A 376 21.10 11.88 8.66
CA LEU A 376 20.12 11.92 9.74
C LEU A 376 20.72 11.44 11.07
N ARG A 377 21.46 10.33 11.04
CA ARG A 377 22.08 9.77 12.25
C ARG A 377 23.08 10.70 12.93
N LYS A 378 23.83 11.49 12.16
CA LYS A 378 24.66 12.58 12.72
C LYS A 378 23.83 13.41 13.68
N SER A 379 22.58 13.66 13.31
CA SER A 379 21.69 14.52 14.07
C SER A 379 21.01 13.82 15.26
N GLY A 380 21.30 12.52 15.44
CA GLY A 380 20.76 11.76 16.56
C GLY A 380 19.33 11.34 16.29
N LYS A 381 19.12 10.86 15.07
CA LYS A 381 17.80 10.49 14.59
C LYS A 381 17.72 9.00 14.41
N ARG A 382 16.68 8.39 14.98
CA ARG A 382 16.45 6.96 14.82
C ARG A 382 15.90 6.71 13.42
N VAL A 383 16.73 6.17 12.55
CA VAL A 383 16.28 5.88 11.20
C VAL A 383 16.34 4.41 10.85
N ILE A 384 15.27 3.94 10.21
CA ILE A 384 15.16 2.61 9.67
C ILE A 384 15.25 2.68 8.13
N GLN A 385 16.08 1.82 7.54
CA GLN A 385 16.20 1.78 6.07
C GLN A 385 15.44 0.59 5.52
N LEU A 386 14.85 0.76 4.34
CA LEU A 386 14.11 -0.30 3.66
C LEU A 386 14.45 -0.36 2.18
N SER A 387 14.62 -1.58 1.68
CA SER A 387 14.70 -1.87 0.26
C SER A 387 13.96 -3.20 0.03
N ARG A 388 13.98 -3.71 -1.19
CA ARG A 388 13.27 -4.95 -1.57
C ARG A 388 13.76 -6.10 -0.70
N LYS A 389 15.06 -6.39 -0.82
CA LYS A 389 15.71 -7.45 -0.06
C LYS A 389 15.47 -7.37 1.44
N THR A 390 15.68 -6.20 2.02
CA THR A 390 15.54 -6.03 3.48
C THR A 390 14.11 -5.84 4.00
N PHE A 391 13.15 -5.62 3.10
CA PHE A 391 11.79 -5.25 3.48
C PHE A 391 11.12 -6.18 4.49
N ASP A 392 11.17 -7.48 4.19
CA ASP A 392 10.48 -8.47 5.01
C ASP A 392 10.98 -8.55 6.46
N THR A 393 12.26 -8.25 6.69
CA THR A 393 12.80 -8.26 8.07
C THR A 393 12.89 -6.86 8.71
N GLU A 394 12.75 -5.80 7.91
CA GLU A 394 12.91 -4.45 8.45
C GLU A 394 11.60 -3.62 8.59
N TYR A 395 10.59 -3.90 7.77
CA TYR A 395 9.25 -3.31 7.97
C TYR A 395 8.69 -3.52 9.39
N PRO A 396 8.72 -4.77 9.90
CA PRO A 396 8.12 -4.97 11.22
C PRO A 396 8.76 -4.15 12.34
N LYS A 397 9.95 -3.61 12.09
CA LYS A 397 10.63 -2.78 13.08
C LYS A 397 9.93 -1.43 13.17
N THR A 398 9.29 -1.04 12.08
CA THR A 398 8.59 0.24 12.00
C THR A 398 7.27 0.16 12.73
N LYS A 399 6.76 -1.05 12.82
CA LYS A 399 5.43 -1.33 13.37
C LYS A 399 5.51 -1.55 14.88
N LEU A 400 6.73 -1.75 15.40
CA LEU A 400 6.93 -2.34 16.73
C LEU A 400 7.97 -1.64 17.63
N THR A 401 8.52 -0.52 17.18
CA THR A 401 9.48 0.22 18.00
C THR A 401 9.48 1.72 17.74
N ASP A 402 10.00 2.47 18.71
CA ASP A 402 10.12 3.93 18.62
C ASP A 402 11.14 4.34 17.55
N TRP A 403 10.68 5.09 16.54
CA TRP A 403 11.52 5.53 15.43
C TRP A 403 11.18 6.95 14.96
N ASP A 404 12.10 7.54 14.20
CA ASP A 404 11.99 8.93 13.78
C ASP A 404 11.84 9.07 12.27
N PHE A 405 12.60 8.25 11.53
CA PHE A 405 12.66 8.32 10.07
C PHE A 405 12.73 6.93 9.41
N VAL A 406 12.03 6.80 8.29
CA VAL A 406 12.23 5.69 7.39
C VAL A 406 12.81 6.22 6.09
N VAL A 407 13.88 5.59 5.64
CA VAL A 407 14.52 5.92 4.38
C VAL A 407 14.34 4.71 3.46
N THR A 408 13.42 4.83 2.50
CA THR A 408 12.91 3.67 1.77
C THR A 408 13.09 3.81 0.26
N THR A 409 13.29 2.69 -0.43
CA THR A 409 13.24 2.72 -1.89
C THR A 409 11.76 2.67 -2.23
N ASP A 410 11.46 2.56 -3.52
CA ASP A 410 10.06 2.62 -3.94
C ASP A 410 9.18 1.43 -3.50
N ILE A 411 9.79 0.37 -2.95
CA ILE A 411 9.06 -0.81 -2.48
C ILE A 411 7.91 -0.46 -1.54
N SER A 412 8.03 0.68 -0.87
CA SER A 412 7.05 1.09 0.12
C SER A 412 5.81 1.68 -0.56
N GLU A 413 5.83 1.71 -1.90
CA GLU A 413 4.65 2.12 -2.68
C GLU A 413 3.62 1.00 -2.74
N MET A 414 4.05 -0.23 -2.42
CA MET A 414 3.20 -1.42 -2.46
C MET A 414 2.71 -1.85 -1.07
N GLY A 415 1.55 -1.37 -0.66
CA GLY A 415 0.95 -1.83 0.59
C GLY A 415 1.46 -1.24 1.91
N ALA A 416 2.71 -0.79 1.95
CA ALA A 416 3.34 -0.25 3.18
C ALA A 416 2.43 0.72 3.94
N ASN A 417 2.31 0.50 5.24
CA ASN A 417 1.40 1.24 6.10
C ASN A 417 2.20 1.78 7.26
N PHE A 418 2.07 3.08 7.53
CA PHE A 418 2.91 3.73 8.52
C PHE A 418 2.12 4.64 9.42
N ARG A 419 2.54 4.71 10.69
CA ARG A 419 1.98 5.66 11.62
C ARG A 419 2.92 6.87 11.61
N ALA A 420 3.01 7.55 10.46
CA ALA A 420 3.84 8.76 10.29
C ALA A 420 3.02 9.98 9.87
N GLY A 421 3.58 11.17 10.06
CA GLY A 421 2.87 12.42 9.78
C GLY A 421 3.28 13.14 8.52
N ARG A 422 4.47 12.82 8.00
CA ARG A 422 5.02 13.60 6.90
C ARG A 422 5.68 12.68 5.90
N VAL A 423 5.55 12.98 4.61
CA VAL A 423 6.33 12.27 3.60
C VAL A 423 7.30 13.23 2.94
N ILE A 424 8.56 12.82 2.84
CA ILE A 424 9.54 13.64 2.14
C ILE A 424 9.97 12.93 0.87
N ASP A 425 9.58 13.50 -0.26
CA ASP A 425 9.62 12.78 -1.52
C ASP A 425 10.26 13.59 -2.65
N PRO A 426 11.59 13.45 -2.84
CA PRO A 426 12.28 14.11 -3.96
C PRO A 426 11.86 13.54 -5.33
N ARG A 427 10.84 12.68 -5.33
CA ARG A 427 10.22 12.22 -6.58
C ARG A 427 11.27 11.73 -7.61
N ARG A 428 12.22 10.93 -7.12
CA ARG A 428 13.29 10.38 -7.94
C ARG A 428 13.42 8.87 -7.82
N CYS A 429 14.10 8.28 -8.81
CA CYS A 429 14.27 6.83 -8.90
C CYS A 429 15.24 6.42 -10.00
N LEU A 430 15.57 5.13 -9.97
CA LEU A 430 16.42 4.49 -10.95
C LEU A 430 15.55 3.55 -11.79
N LYS A 431 15.72 3.56 -13.09
CA LYS A 431 14.95 2.64 -13.91
C LYS A 431 15.86 1.80 -14.76
N PRO A 432 15.60 0.48 -14.79
CA PRO A 432 16.38 -0.44 -15.59
C PRO A 432 15.96 -0.36 -17.06
N VAL A 433 16.96 -0.33 -17.95
CA VAL A 433 16.71 -0.11 -19.36
C VAL A 433 17.60 -1.08 -20.05
N ILE A 434 17.10 -1.76 -21.09
CA ILE A 434 17.95 -2.56 -21.95
C ILE A 434 18.55 -1.68 -23.03
N LEU A 435 19.83 -1.40 -22.91
CA LEU A 435 20.56 -0.69 -23.93
C LEU A 435 20.57 -1.55 -25.18
N THR A 436 19.88 -1.07 -26.20
CA THR A 436 19.81 -1.77 -27.50
C THR A 436 20.93 -1.30 -28.43
N ASP A 437 21.70 -0.32 -27.95
CA ASP A 437 22.69 0.40 -28.75
C ASP A 437 23.99 -0.40 -28.93
N GLY A 438 23.92 -1.42 -29.79
CA GLY A 438 24.98 -2.42 -29.88
C GLY A 438 24.75 -3.46 -28.80
N PRO A 439 25.79 -4.26 -28.48
CA PRO A 439 25.73 -5.30 -27.45
C PRO A 439 24.81 -4.96 -26.29
N GLU A 440 23.83 -5.83 -26.08
CA GLU A 440 22.78 -5.62 -25.09
C GLU A 440 23.29 -5.75 -23.68
N ARG A 441 22.74 -4.90 -22.81
CA ARG A 441 23.05 -4.89 -21.39
C ARG A 441 21.95 -4.18 -20.65
N VAL A 442 21.88 -4.37 -19.35
CA VAL A 442 20.91 -3.63 -18.56
C VAL A 442 21.68 -2.77 -17.59
N ILE A 443 21.33 -1.49 -17.57
CA ILE A 443 22.00 -0.52 -16.73
C ILE A 443 20.92 0.13 -15.92
N LEU A 444 21.28 0.59 -14.74
CA LEU A 444 20.38 1.34 -13.90
C LEU A 444 20.52 2.82 -14.28
N ALA A 445 19.63 3.29 -15.14
CA ALA A 445 19.59 4.70 -15.51
C ALA A 445 18.95 5.49 -14.37
N GLY A 446 19.27 6.77 -14.31
CA GLY A 446 18.78 7.67 -13.29
C GLY A 446 19.90 8.16 -12.38
N PRO A 447 19.55 8.83 -11.26
CA PRO A 447 18.18 9.19 -10.87
C PRO A 447 17.45 10.05 -11.89
N ILE A 448 16.34 9.52 -12.37
CA ILE A 448 15.36 10.20 -13.23
C ILE A 448 14.09 10.39 -12.38
N PRO A 449 13.17 11.27 -12.80
CA PRO A 449 11.95 11.53 -12.00
C PRO A 449 10.91 10.42 -12.10
N VAL A 450 10.13 10.26 -11.04
CA VAL A 450 9.16 9.19 -10.94
C VAL A 450 7.95 9.44 -11.82
N THR A 451 7.15 8.41 -12.05
CA THR A 451 5.84 8.60 -12.67
C THR A 451 4.87 9.34 -11.74
N PRO A 452 3.85 9.98 -12.33
CA PRO A 452 2.71 10.46 -11.54
C PRO A 452 2.14 9.40 -10.59
N ALA A 453 1.85 8.19 -11.07
CA ALA A 453 1.33 7.14 -10.20
C ALA A 453 2.27 6.85 -9.02
N SER A 454 3.54 6.67 -9.33
CA SER A 454 4.51 6.35 -8.29
C SER A 454 4.52 7.44 -7.23
N ALA A 455 4.35 8.68 -7.66
CA ALA A 455 4.34 9.80 -6.75
C ALA A 455 3.04 9.85 -5.97
N ALA A 456 1.94 9.54 -6.63
CA ALA A 456 0.67 9.43 -5.94
C ALA A 456 0.84 8.40 -4.80
N GLN A 457 1.56 7.32 -5.07
CA GLN A 457 1.67 6.27 -4.08
C GLN A 457 2.55 6.68 -2.92
N ARG A 458 3.68 7.31 -3.23
CA ARG A 458 4.58 7.81 -2.19
C ARG A 458 3.82 8.78 -1.26
N ARG A 459 3.15 9.77 -1.85
CA ARG A 459 2.30 10.71 -1.13
C ARG A 459 1.16 9.96 -0.45
N GLY A 460 0.75 8.86 -1.08
CA GLY A 460 -0.32 8.04 -0.53
C GLY A 460 0.03 7.28 0.74
N ARG A 461 1.25 7.46 1.27
CA ARG A 461 1.65 6.89 2.55
C ARG A 461 0.94 7.67 3.63
N ILE A 462 0.56 8.90 3.30
CA ILE A 462 0.15 9.86 4.30
C ILE A 462 -1.31 10.29 4.12
N GLY A 463 -1.91 10.85 5.17
CA GLY A 463 -3.29 11.35 5.09
C GLY A 463 -4.34 10.26 5.10
N ARG A 464 -4.09 9.21 5.87
CA ARG A 464 -5.05 8.14 6.05
C ARG A 464 -5.82 8.38 7.32
N ASN A 465 -5.10 8.65 8.41
CA ASN A 465 -5.73 8.92 9.69
C ASN A 465 -5.84 10.40 10.02
N PRO A 466 -7.00 10.80 10.59
CA PRO A 466 -7.22 12.17 11.01
C PRO A 466 -6.18 12.61 12.04
N ALA A 467 -5.54 13.73 11.76
CA ALA A 467 -4.51 14.24 12.65
C ALA A 467 -4.76 15.72 12.98
N GLN A 468 -4.14 16.16 14.06
CA GLN A 468 -4.31 17.51 14.60
C GLN A 468 -3.85 18.54 13.58
N GLU A 469 -2.73 18.22 12.95
CA GLU A 469 -2.26 18.93 11.77
C GLU A 469 -2.44 17.98 10.60
N ASP A 470 -2.88 18.53 9.47
CA ASP A 470 -2.86 17.78 8.22
C ASP A 470 -1.45 17.25 8.02
N ASP A 471 -1.37 16.01 7.58
CA ASP A 471 -0.10 15.42 7.25
C ASP A 471 0.57 16.28 6.20
N GLN A 472 1.86 16.06 5.97
CA GLN A 472 2.59 16.88 5.01
C GLN A 472 3.19 16.05 3.89
N TYR A 473 2.84 16.39 2.65
CA TYR A 473 3.58 15.85 1.51
C TYR A 473 4.64 16.86 1.07
N VAL A 474 5.89 16.61 1.44
CA VAL A 474 6.96 17.48 1.02
C VAL A 474 7.66 16.89 -0.21
N PHE A 475 7.62 17.64 -1.32
CA PHE A 475 8.06 17.12 -2.62
C PHE A 475 8.82 18.11 -3.47
N SER A 476 9.52 17.59 -4.48
CA SER A 476 10.35 18.42 -5.35
C SER A 476 10.31 17.91 -6.78
N GLY A 477 10.14 18.81 -7.73
CA GLY A 477 10.08 18.48 -9.15
C GLY A 477 8.75 17.95 -9.63
N ASP A 478 8.56 18.01 -10.95
CA ASP A 478 7.42 17.38 -11.61
C ASP A 478 7.75 15.94 -12.00
N PRO A 479 6.75 15.04 -11.93
CA PRO A 479 6.92 13.66 -12.38
C PRO A 479 7.02 13.58 -13.90
N LEU A 480 7.39 12.42 -14.42
CA LEU A 480 7.45 12.17 -15.86
C LEU A 480 6.78 10.85 -16.17
N LYS A 481 5.91 10.84 -17.19
CA LYS A 481 5.01 9.71 -17.44
C LYS A 481 5.52 8.69 -18.43
N ASN A 482 6.35 9.12 -19.38
CA ASN A 482 6.91 8.19 -20.36
C ASN A 482 7.98 7.32 -19.72
N ASP A 483 7.59 6.10 -19.43
CA ASP A 483 8.47 5.12 -18.83
C ASP A 483 8.60 3.91 -19.76
N GLU A 484 8.29 4.13 -21.05
CA GLU A 484 8.16 3.06 -22.04
C GLU A 484 9.46 2.31 -22.35
N ASP A 485 10.59 2.92 -22.00
CA ASP A 485 11.90 2.27 -22.15
C ASP A 485 12.29 1.49 -20.89
N HIS A 486 11.38 1.40 -19.92
CA HIS A 486 11.60 0.60 -18.72
C HIS A 486 11.69 -0.89 -19.07
N ALA A 487 12.86 -1.46 -18.78
CA ALA A 487 13.12 -2.88 -18.99
C ALA A 487 11.98 -3.84 -18.57
N HIS A 488 11.31 -3.54 -17.46
CA HIS A 488 10.24 -4.41 -16.94
C HIS A 488 9.15 -4.83 -17.95
N TRP A 489 8.81 -3.95 -18.88
CA TRP A 489 7.76 -4.25 -19.86
C TRP A 489 8.14 -5.46 -20.71
N THR A 490 9.34 -5.42 -21.30
CA THR A 490 9.80 -6.56 -22.08
C THR A 490 10.12 -7.75 -21.17
N GLU A 491 10.61 -7.49 -19.96
CA GLU A 491 10.86 -8.62 -19.06
C GLU A 491 9.56 -9.36 -18.76
N ALA A 492 8.47 -8.61 -18.72
CA ALA A 492 7.15 -9.19 -18.51
C ALA A 492 6.74 -10.08 -19.68
N LYS A 493 6.93 -9.58 -20.90
CA LYS A 493 6.59 -10.34 -22.12
C LYS A 493 7.39 -11.63 -22.20
N MET A 494 8.60 -11.58 -21.62
CA MET A 494 9.50 -12.72 -21.55
C MET A 494 8.88 -13.77 -20.67
N LEU A 495 8.32 -13.34 -19.54
CA LEU A 495 7.59 -14.22 -18.63
C LEU A 495 6.35 -14.68 -19.32
N LEU A 496 5.62 -13.70 -19.83
CA LEU A 496 4.30 -13.92 -20.37
C LEU A 496 4.29 -14.91 -21.51
N ASP A 497 5.13 -14.72 -22.51
CA ASP A 497 4.97 -15.58 -23.66
C ASP A 497 5.66 -16.95 -23.51
N ASN A 498 6.19 -17.20 -22.32
CA ASN A 498 6.67 -18.53 -21.93
C ASN A 498 5.73 -19.26 -20.99
N ILE A 499 4.63 -18.62 -20.65
CA ILE A 499 3.54 -19.32 -19.95
C ILE A 499 2.64 -19.99 -20.99
N TYR A 500 2.47 -21.30 -20.86
CA TYR A 500 1.69 -22.06 -21.83
C TYR A 500 0.27 -22.27 -21.30
N THR A 501 -0.74 -22.10 -22.16
CA THR A 501 -2.11 -22.41 -21.78
C THR A 501 -2.63 -23.62 -22.54
N PRO A 502 -3.45 -24.45 -21.87
CA PRO A 502 -4.12 -25.58 -22.53
C PRO A 502 -4.88 -25.14 -23.78
N GLU A 503 -5.54 -23.98 -23.72
CA GLU A 503 -6.22 -23.41 -24.88
C GLU A 503 -5.28 -23.13 -26.06
N GLY A 504 -4.00 -22.97 -25.77
CA GLY A 504 -3.00 -22.68 -26.81
C GLY A 504 -2.87 -21.18 -27.09
N ILE A 505 -3.61 -20.38 -26.33
CA ILE A 505 -3.51 -18.94 -26.41
C ILE A 505 -2.22 -18.49 -25.75
N ILE A 506 -1.46 -17.64 -26.45
CA ILE A 506 -0.40 -16.90 -25.77
C ILE A 506 -1.07 -15.80 -24.94
N PRO A 507 -0.73 -15.73 -23.64
CA PRO A 507 -1.19 -14.65 -22.75
C PRO A 507 -0.54 -13.32 -23.12
N THR A 508 -1.21 -12.21 -22.83
CA THR A 508 -0.71 -10.89 -23.20
C THR A 508 -0.93 -9.85 -22.10
N LEU A 509 -0.21 -8.74 -22.19
CA LEU A 509 -0.29 -7.67 -21.20
C LEU A 509 -1.68 -7.11 -21.04
N PHE A 510 -2.00 -6.77 -19.81
CA PHE A 510 -3.22 -6.08 -19.48
C PHE A 510 -3.38 -4.81 -20.35
N GLY A 511 -4.60 -4.57 -20.82
CA GLY A 511 -4.90 -3.49 -21.76
C GLY A 511 -4.03 -2.23 -21.72
N PRO A 512 -4.11 -1.43 -20.63
CA PRO A 512 -3.41 -0.18 -20.54
C PRO A 512 -1.91 -0.34 -20.54
N GLU A 513 -1.44 -1.58 -20.39
CA GLU A 513 0.00 -1.82 -20.31
C GLU A 513 0.56 -2.33 -21.64
N ARG A 514 -0.31 -2.73 -22.55
CA ARG A 514 0.13 -3.14 -23.89
C ARG A 514 0.93 -2.05 -24.65
N GLU A 515 0.55 -0.78 -24.53
CA GLU A 515 1.24 0.25 -25.33
C GLU A 515 2.67 0.60 -24.88
N LYS A 516 3.22 -0.22 -23.99
CA LYS A 516 4.55 -0.02 -23.42
C LYS A 516 5.68 -0.83 -24.07
N THR A 517 5.32 -1.78 -24.95
CA THR A 517 6.30 -2.45 -25.82
C THR A 517 5.82 -2.54 -27.24
N GLN A 518 6.78 -2.49 -28.16
CA GLN A 518 6.52 -2.73 -29.57
C GLN A 518 6.85 -4.18 -29.92
N ALA A 519 7.24 -4.94 -28.91
CA ALA A 519 7.49 -6.37 -29.04
C ALA A 519 6.22 -7.08 -29.55
N ILE A 520 6.43 -8.09 -30.38
CA ILE A 520 5.32 -8.85 -30.94
C ILE A 520 5.07 -10.09 -30.11
N ASP A 521 3.81 -10.29 -29.73
CA ASP A 521 3.39 -11.44 -28.91
C ASP A 521 4.06 -12.75 -29.33
N GLY A 522 4.77 -13.36 -28.38
CA GLY A 522 5.24 -14.73 -28.54
C GLY A 522 6.71 -14.95 -28.86
N GLU A 523 7.34 -13.95 -29.46
CA GLU A 523 8.75 -14.01 -29.86
C GLU A 523 9.74 -14.35 -28.74
N PHE A 524 9.36 -14.14 -27.48
CA PHE A 524 10.26 -14.51 -26.38
C PHE A 524 10.05 -15.93 -25.92
N ARG A 525 8.96 -16.54 -26.37
CA ARG A 525 8.74 -17.95 -26.13
C ARG A 525 10.05 -18.71 -26.44
N LEU A 526 10.31 -19.74 -25.64
CA LEU A 526 11.55 -20.48 -25.69
C LEU A 526 11.19 -21.95 -25.57
N ARG A 527 11.40 -22.71 -26.64
CA ARG A 527 11.03 -24.14 -26.66
C ARG A 527 12.04 -24.99 -25.89
N GLY A 528 11.80 -26.30 -25.84
CA GLY A 528 12.72 -27.26 -25.23
C GLY A 528 13.02 -26.95 -23.79
N GLU A 529 14.24 -27.26 -23.36
CA GLU A 529 14.63 -26.97 -21.98
C GLU A 529 15.57 -25.78 -21.86
N GLN A 530 15.67 -25.04 -22.95
CA GLN A 530 16.06 -23.66 -22.85
C GLN A 530 15.02 -23.05 -21.93
N ARG A 531 13.76 -23.38 -22.16
CA ARG A 531 12.68 -22.90 -21.32
C ARG A 531 12.88 -23.30 -19.86
N LYS A 532 13.19 -24.57 -19.61
CA LYS A 532 13.39 -25.05 -18.25
C LYS A 532 14.55 -24.34 -17.56
N THR A 533 15.60 -24.05 -18.33
CA THR A 533 16.75 -23.33 -17.80
C THR A 533 16.34 -21.92 -17.40
N PHE A 534 15.71 -21.21 -18.34
CA PHE A 534 15.16 -19.88 -18.12
C PHE A 534 14.30 -19.80 -16.87
N VAL A 535 13.67 -20.90 -16.48
CA VAL A 535 12.85 -20.85 -15.26
C VAL A 535 13.74 -21.06 -14.04
N GLU A 536 14.54 -22.12 -14.06
CA GLU A 536 15.51 -22.40 -12.99
C GLU A 536 16.39 -21.20 -12.60
N LEU A 537 17.03 -20.57 -13.57
CA LEU A 537 17.90 -19.43 -13.26
C LEU A 537 17.12 -18.41 -12.41
N MET A 538 15.89 -18.12 -12.81
CA MET A 538 15.04 -17.22 -12.05
C MET A 538 14.67 -17.79 -10.69
N ARG A 539 14.22 -19.04 -10.65
CA ARG A 539 13.76 -19.67 -9.41
C ARG A 539 14.92 -19.91 -8.42
N ARG A 540 15.95 -20.63 -8.86
CA ARG A 540 17.01 -21.10 -7.98
C ARG A 540 18.26 -20.22 -8.05
N GLY A 541 18.52 -19.65 -9.22
CA GLY A 541 19.70 -18.81 -9.41
C GLY A 541 19.51 -17.40 -8.90
N ASP A 542 18.26 -17.06 -8.58
CA ASP A 542 17.88 -15.71 -8.15
C ASP A 542 18.20 -14.60 -9.12
N LEU A 543 18.19 -14.89 -10.42
CA LEU A 543 18.63 -13.92 -11.44
C LEU A 543 17.50 -13.07 -12.03
N PRO A 544 17.80 -11.83 -12.45
CA PRO A 544 16.73 -11.07 -13.09
C PRO A 544 16.24 -11.74 -14.37
N VAL A 545 15.00 -11.46 -14.72
CA VAL A 545 14.40 -11.97 -15.94
C VAL A 545 15.31 -11.80 -17.17
N TRP A 546 15.66 -10.57 -17.54
CA TRP A 546 16.48 -10.34 -18.76
C TRP A 546 17.73 -11.20 -18.81
N LEU A 547 18.48 -11.17 -17.72
CA LEU A 547 19.65 -11.99 -17.54
C LEU A 547 19.31 -13.45 -17.76
N SER A 548 18.42 -13.98 -16.92
CA SER A 548 17.92 -15.35 -17.06
C SER A 548 17.65 -15.66 -18.52
N TYR A 549 16.96 -14.75 -19.22
CA TYR A 549 16.65 -14.98 -20.64
C TYR A 549 17.88 -15.22 -21.50
N LYS A 550 18.75 -14.21 -21.54
CA LYS A 550 19.93 -14.24 -22.40
C LYS A 550 20.71 -15.53 -22.20
N VAL A 551 20.84 -15.97 -20.95
CA VAL A 551 21.62 -17.18 -20.69
C VAL A 551 20.94 -18.45 -21.24
N ALA A 552 19.65 -18.63 -20.94
CA ALA A 552 18.94 -19.85 -21.37
C ALA A 552 18.95 -20.00 -22.88
N SER A 553 18.58 -18.92 -23.57
CA SER A 553 18.51 -18.91 -25.03
C SER A 553 19.88 -19.07 -25.73
N ALA A 554 20.95 -19.05 -24.96
CA ALA A 554 22.28 -19.39 -25.48
C ALA A 554 22.54 -20.89 -25.34
N GLY A 555 21.63 -21.60 -24.67
CA GLY A 555 21.73 -23.04 -24.53
C GLY A 555 22.61 -23.49 -23.39
N ILE A 556 22.90 -22.57 -22.47
CA ILE A 556 23.69 -22.85 -21.27
C ILE A 556 22.88 -23.65 -20.24
N SER A 557 23.49 -24.71 -19.74
CA SER A 557 22.92 -25.51 -18.67
C SER A 557 23.02 -24.75 -17.37
N TYR A 558 21.97 -24.81 -16.55
CA TYR A 558 21.95 -24.15 -15.24
C TYR A 558 23.25 -24.32 -14.45
N LYS A 559 23.72 -25.57 -14.37
CA LYS A 559 24.86 -25.90 -13.52
C LYS A 559 26.15 -25.21 -13.98
N ASP A 560 26.18 -24.79 -15.24
CA ASP A 560 27.38 -24.19 -15.83
C ASP A 560 27.47 -22.71 -15.46
N ARG A 561 28.68 -22.26 -15.15
CA ARG A 561 28.90 -20.89 -14.66
C ARG A 561 30.02 -20.15 -15.40
N GLU A 562 30.54 -20.73 -16.48
CA GLU A 562 31.65 -20.09 -17.18
C GLU A 562 31.35 -18.70 -17.79
N TRP A 563 30.08 -18.45 -18.12
CA TRP A 563 29.68 -17.16 -18.70
C TRP A 563 29.86 -15.98 -17.74
N CYS A 564 30.06 -16.29 -16.47
CA CYS A 564 30.34 -15.26 -15.47
C CYS A 564 31.77 -14.75 -15.56
N PHE A 565 32.59 -15.41 -16.37
CA PHE A 565 34.01 -15.12 -16.44
C PHE A 565 34.51 -14.82 -17.85
N THR A 566 33.72 -15.16 -18.86
CA THR A 566 34.14 -14.98 -20.26
C THR A 566 33.58 -13.69 -20.89
N GLY A 567 33.61 -12.60 -20.11
CA GLY A 567 33.12 -11.30 -20.58
C GLY A 567 34.22 -10.39 -21.09
N GLU A 568 33.83 -9.28 -21.70
CA GLU A 568 34.80 -8.28 -22.18
C GLU A 568 35.33 -7.49 -21.00
N ARG A 569 36.50 -6.89 -21.15
CA ARG A 569 37.15 -6.15 -20.08
C ARG A 569 36.19 -5.15 -19.43
N ASN A 570 35.48 -4.37 -20.24
CA ASN A 570 34.55 -3.38 -19.71
C ASN A 570 33.30 -3.98 -19.05
N ASN A 571 33.27 -5.31 -18.95
CA ASN A 571 32.21 -6.05 -18.25
C ASN A 571 32.59 -6.49 -16.83
N GLN A 572 33.72 -5.96 -16.33
CA GLN A 572 34.21 -6.33 -15.02
C GLN A 572 33.35 -5.70 -13.94
N ILE A 573 32.76 -6.55 -13.10
CA ILE A 573 32.08 -6.09 -11.91
C ILE A 573 33.09 -5.52 -10.91
N LEU A 574 32.66 -4.52 -10.15
CA LEU A 574 33.43 -4.01 -9.01
C LEU A 574 32.52 -3.84 -7.81
N GLU A 575 33.08 -4.17 -6.64
CA GLU A 575 32.39 -4.05 -5.35
C GLU A 575 33.16 -3.08 -4.48
N GLU A 576 32.49 -2.04 -3.98
CA GLU A 576 33.15 -0.98 -3.22
C GLU A 576 34.51 -0.60 -3.82
N ASN A 577 34.51 -0.38 -5.13
CA ASN A 577 35.62 0.23 -5.84
C ASN A 577 36.83 -0.68 -6.11
N MET A 578 36.71 -1.94 -5.73
CA MET A 578 37.74 -2.92 -6.06
C MET A 578 37.20 -3.97 -7.01
N GLU A 579 38.02 -4.37 -7.98
CA GLU A 579 37.61 -5.36 -8.97
C GLU A 579 37.39 -6.73 -8.34
N VAL A 580 36.16 -7.21 -8.46
CA VAL A 580 35.66 -8.42 -7.79
C VAL A 580 36.33 -9.70 -8.27
N GLU A 581 36.80 -10.50 -7.32
CA GLU A 581 37.35 -11.84 -7.61
C GLU A 581 36.70 -12.89 -6.71
N ILE A 582 36.45 -14.06 -7.26
CA ILE A 582 35.67 -15.09 -6.60
C ILE A 582 36.32 -16.45 -6.81
N TRP A 583 36.28 -17.31 -5.79
CA TRP A 583 36.94 -18.61 -5.86
C TRP A 583 35.96 -19.71 -6.28
N THR A 584 36.15 -20.24 -7.49
CA THR A 584 35.26 -21.26 -8.09
C THR A 584 35.19 -22.58 -7.30
N ARG A 585 34.17 -23.38 -7.59
CA ARG A 585 33.99 -24.70 -6.96
C ARG A 585 35.02 -25.71 -7.46
N GLU A 586 35.61 -25.41 -8.63
CA GLU A 586 36.67 -26.26 -9.22
C GLU A 586 38.06 -25.75 -8.84
N GLY A 587 38.10 -24.65 -8.09
CA GLY A 587 39.34 -24.14 -7.49
C GLY A 587 40.19 -23.26 -8.39
N GLU A 588 39.69 -22.07 -8.69
CA GLU A 588 40.44 -21.07 -9.45
C GLU A 588 40.02 -19.67 -8.97
N LYS A 589 40.92 -18.71 -9.11
CA LYS A 589 40.55 -17.31 -8.93
C LYS A 589 40.39 -16.68 -10.30
N LYS A 590 39.21 -16.09 -10.55
CA LYS A 590 38.95 -15.32 -11.77
C LYS A 590 38.14 -14.06 -11.46
N LYS A 591 38.38 -13.02 -12.24
CA LYS A 591 37.71 -11.74 -12.05
C LYS A 591 36.27 -11.81 -12.53
N LEU A 592 35.35 -11.28 -11.71
CA LEU A 592 33.92 -11.32 -12.03
C LEU A 592 33.61 -10.44 -13.22
N ARG A 593 33.39 -11.12 -14.34
CA ARG A 593 33.23 -10.47 -15.64
C ARG A 593 32.26 -11.30 -16.48
N PRO A 594 30.95 -11.09 -16.26
CA PRO A 594 29.93 -11.84 -17.00
C PRO A 594 29.93 -11.51 -18.48
N LYS A 595 29.43 -12.42 -19.31
CA LYS A 595 29.23 -12.14 -20.74
C LYS A 595 28.15 -11.06 -20.89
N TRP A 596 26.96 -11.33 -20.38
CA TRP A 596 25.88 -10.36 -20.37
C TRP A 596 25.82 -9.60 -19.04
N LEU A 597 25.72 -8.29 -19.13
CA LEU A 597 25.84 -7.42 -17.96
C LEU A 597 24.48 -6.84 -17.56
N ASP A 598 24.01 -7.21 -16.37
CA ASP A 598 22.74 -6.72 -15.83
C ASP A 598 23.01 -6.10 -14.48
N ALA A 599 22.76 -4.80 -14.38
CA ALA A 599 23.13 -4.03 -13.20
C ALA A 599 22.55 -4.56 -11.89
N ARG A 600 21.36 -5.11 -11.97
CA ARG A 600 20.59 -5.45 -10.80
C ARG A 600 21.23 -6.58 -9.98
N VAL A 601 22.23 -7.25 -10.57
CA VAL A 601 23.04 -8.21 -9.82
C VAL A 601 24.17 -7.51 -9.04
N TYR A 602 24.57 -6.33 -9.48
CA TYR A 602 25.76 -5.69 -8.91
C TYR A 602 25.49 -4.32 -8.33
N ALA A 603 24.23 -3.99 -8.12
CA ALA A 603 23.86 -2.64 -7.72
C ALA A 603 23.37 -2.52 -6.28
N ASP A 604 23.78 -3.45 -5.43
CA ASP A 604 23.61 -3.33 -3.97
C ASP A 604 24.16 -4.59 -3.33
N PRO A 605 25.05 -4.44 -2.34
CA PRO A 605 25.77 -5.56 -1.77
C PRO A 605 24.93 -6.85 -1.64
N MET A 606 23.70 -6.75 -1.17
CA MET A 606 22.90 -7.95 -0.94
C MET A 606 22.60 -8.75 -2.21
N ALA A 607 22.32 -8.08 -3.32
CA ALA A 607 22.14 -8.77 -4.59
C ALA A 607 23.48 -9.29 -5.12
N LEU A 608 24.55 -8.61 -4.72
CA LEU A 608 25.89 -8.89 -5.22
C LEU A 608 26.53 -10.02 -4.41
N LYS A 609 26.23 -10.06 -3.12
CA LYS A 609 26.59 -11.21 -2.29
C LYS A 609 26.04 -12.44 -3.02
N ASP A 610 24.77 -12.38 -3.39
CA ASP A 610 24.11 -13.46 -4.13
C ASP A 610 24.81 -13.85 -5.43
N PHE A 611 25.03 -12.87 -6.30
CA PHE A 611 25.55 -13.18 -7.64
C PHE A 611 26.93 -13.81 -7.56
N LYS A 612 27.68 -13.43 -6.51
CA LYS A 612 28.95 -14.06 -6.16
C LYS A 612 28.81 -15.55 -5.81
N GLU A 613 27.79 -15.90 -5.03
CA GLU A 613 27.51 -17.31 -4.69
C GLU A 613 27.08 -18.12 -5.90
N PHE A 614 26.33 -17.49 -6.80
CA PHE A 614 25.97 -18.10 -8.09
C PHE A 614 27.23 -18.34 -8.94
N ALA A 615 28.08 -17.32 -9.01
CA ALA A 615 29.31 -17.37 -9.79
C ALA A 615 30.26 -18.46 -9.30
N SER A 616 30.15 -18.79 -8.01
CA SER A 616 30.93 -19.87 -7.41
C SER A 616 30.42 -21.22 -7.88
N GLY A 617 29.15 -21.48 -7.61
CA GLY A 617 28.54 -22.78 -7.80
C GLY A 617 27.95 -23.29 -6.49
N ARG A 618 27.82 -22.38 -5.54
CA ARG A 618 27.11 -22.66 -4.29
C ARG A 618 25.60 -22.72 -4.49
N LYS A 619 25.12 -22.18 -5.60
CA LYS A 619 23.68 -21.98 -5.83
C LYS A 619 23.15 -22.87 -6.95
N ALA B 5 -5.22 0.01 27.71
CA ALA B 5 -6.47 0.80 27.47
C ALA B 5 -6.22 2.28 27.72
N ASP B 6 -6.78 3.14 26.85
CA ASP B 6 -6.63 4.60 26.99
C ASP B 6 -7.95 5.37 27.21
N LEU B 7 -8.99 5.06 26.43
CA LEU B 7 -10.38 5.48 26.72
C LEU B 7 -11.43 4.48 26.24
N SER B 8 -12.57 4.43 26.93
CA SER B 8 -13.68 3.53 26.57
C SER B 8 -15.03 4.26 26.53
N LEU B 9 -16.11 3.49 26.57
CA LEU B 9 -17.48 4.04 26.49
C LEU B 9 -18.41 3.53 27.60
N GLU B 10 -19.58 4.15 27.71
CA GLU B 10 -20.67 3.64 28.55
C GLU B 10 -22.05 4.20 28.13
N LYS B 11 -22.86 3.32 27.54
CA LYS B 11 -24.19 3.68 27.03
C LYS B 11 -25.04 4.32 28.13
N ALA B 12 -25.37 5.60 27.92
CA ALA B 12 -26.11 6.39 28.91
C ALA B 12 -27.59 6.55 28.55
N ALA B 13 -27.87 6.84 27.29
CA ALA B 13 -29.25 7.12 26.85
C ALA B 13 -29.50 6.77 25.36
N ASN B 14 -30.66 7.18 24.85
CA ASN B 14 -31.04 7.04 23.44
C ASN B 14 -31.69 8.33 22.88
N VAL B 15 -31.60 8.51 21.56
CA VAL B 15 -32.06 9.74 20.89
C VAL B 15 -33.60 9.84 20.79
N GLN B 16 -34.17 10.77 21.56
CA GLN B 16 -35.64 10.88 21.71
C GLN B 16 -36.16 12.31 21.88
N TRP B 17 -37.49 12.44 21.83
CA TRP B 17 -38.19 13.73 21.93
C TRP B 17 -38.07 14.35 23.32
#